data_3M6B
#
_entry.id   3M6B
#
_cell.length_a   49.657
_cell.length_b   67.922
_cell.length_c   75.546
_cell.angle_alpha   90.00
_cell.angle_beta   90.00
_cell.angle_gamma   90.00
#
_symmetry.space_group_name_H-M   'P 21 21 21'
#
loop_
_entity.id
_entity.type
_entity.pdbx_description
1 polymer Beta-lactamase
2 non-polymer 'PHOSPHATE ION'
3 non-polymer '(4R,5S)-3-({(3S,5S)-5-[(3-carboxyphenyl)carbamoyl]pyrrolidin-3-yl}sulfanyl)-5-[(1S,2R)-1-formyl-2-hydroxypropyl]-4-methyl-4,5-dihydro-1H-pyrrole-2-carboxylic acid'
4 water water
#
_entity_poly.entity_id   1
_entity_poly.type   'polypeptide(L)'
_entity_poly.pdbx_seq_one_letter_code
;DLADRFAELERRYDARLGVYVPATGTTAAIEYRADERFAFCSTFKAPLVAAVLHQNPLTHLDKLITYTSDDIRSISPVAQ
QHVQTGMTIGQLCDAAIRYSDGTAANLLLADLGGPGGGTAAFTGYLRSLGDTVSRLDAEEPELNRDPPGDERDTTTPHAI
ALVLQQLVLGNALPPDKRALLTDWMARNTTGAKRIRAGFPADWKVIDKTGTGDYGRANDIAVVWSPTGVPYVVAVMSDRA
GGGYDAEPREALLAEAATCVAGVLA
;
_entity_poly.pdbx_strand_id   A
#
loop_
_chem_comp.id
_chem_comp.type
_chem_comp.name
_chem_comp.formula
1RG non-polymer '(4R,5S)-3-({(3S,5S)-5-[(3-carboxyphenyl)carbamoyl]pyrrolidin-3-yl}sulfanyl)-5-[(1S,2R)-1-formyl-2-hydroxypropyl]-4-methyl-4,5-dihydro-1H-pyrrole-2-carboxylic acid' 'C22 H27 N3 O7 S'
PO4 non-polymer 'PHOSPHATE ION' 'O4 P -3'
#
# COMPACT_ATOMS: atom_id res chain seq x y z
N ASP A 1 26.86 0.75 7.94
CA ASP A 1 25.98 -0.41 8.29
C ASP A 1 24.49 -0.02 8.18
N LEU A 2 23.69 -0.80 7.44
CA LEU A 2 22.27 -0.44 7.19
C LEU A 2 21.44 -0.18 8.44
N ALA A 3 21.50 -1.08 9.43
CA ALA A 3 20.74 -0.88 10.68
C ALA A 3 21.12 0.43 11.36
N ASP A 4 22.42 0.75 11.38
CA ASP A 4 22.86 2.04 11.93
C ASP A 4 22.29 3.22 11.14
N ARG A 5 22.26 3.10 9.82
CA ARG A 5 21.72 4.17 8.97
C ARG A 5 20.23 4.36 9.20
N PHE A 6 19.49 3.25 9.28
CA PHE A 6 18.06 3.36 9.56
C PHE A 6 17.80 3.98 10.95
N ALA A 7 18.58 3.58 11.96
CA ALA A 7 18.44 4.18 13.29
C ALA A 7 18.73 5.69 13.26
N GLU A 8 19.72 6.10 12.48
CA GLU A 8 20.02 7.52 12.30
C GLU A 8 18.84 8.26 11.69
N LEU A 9 18.17 7.65 10.73
CA LEU A 9 16.98 8.28 10.14
C LEU A 9 15.87 8.42 11.16
N GLU A 10 15.69 7.40 12.01
CA GLU A 10 14.69 7.50 13.09
C GLU A 10 14.94 8.70 13.99
N ARG A 11 16.20 8.91 14.36
CA ARG A 11 16.53 10.07 15.19
C ARG A 11 16.31 11.39 14.44
N ARG A 12 16.67 11.41 13.15
CA ARG A 12 16.53 12.64 12.35
C ARG A 12 15.09 13.09 12.25
N TYR A 13 14.19 12.14 12.06
CA TYR A 13 12.79 12.44 11.82
C TYR A 13 11.89 12.20 13.03
N ASP A 14 12.48 11.89 14.20
CA ASP A 14 11.71 11.54 15.41
C ASP A 14 10.62 10.54 15.05
N ALA A 15 11.05 9.44 14.44
CA ALA A 15 10.15 8.51 13.79
C ALA A 15 10.49 7.08 14.16
N ARG A 16 9.55 6.20 13.88
CA ARG A 16 9.78 4.77 13.88
C ARG A 16 9.70 4.34 12.42
N LEU A 17 10.71 3.61 11.97
CA LEU A 17 10.87 3.21 10.56
C LEU A 17 10.89 1.69 10.47
N GLY A 18 10.13 1.13 9.52
CA GLY A 18 10.16 -0.30 9.22
C GLY A 18 10.47 -0.52 7.75
N VAL A 19 11.35 -1.48 7.47
CA VAL A 19 11.78 -1.76 6.10
C VAL A 19 11.83 -3.27 5.89
N TYR A 20 11.29 -3.74 4.77
CA TYR A 20 11.56 -5.11 4.37
C TYR A 20 11.75 -5.21 2.88
N VAL A 21 12.80 -5.96 2.49
CA VAL A 21 13.01 -6.37 1.10
C VAL A 21 13.22 -7.88 1.15
N PRO A 22 12.32 -8.66 0.51
CA PRO A 22 12.51 -10.12 0.55
C PRO A 22 13.82 -10.56 -0.09
N ALA A 23 14.36 -11.66 0.38
CA ALA A 23 15.51 -12.29 -0.24
C ALA A 23 15.18 -12.70 -1.69
N THR A 24 16.22 -12.64 -2.51
CA THR A 24 16.09 -13.10 -3.86
C THR A 24 17.14 -14.18 -4.10
N GLY A 25 17.59 -14.23 -5.34
CA GLY A 25 18.65 -15.12 -5.77
C GLY A 25 19.98 -14.89 -5.08
N THR A 26 20.48 -13.66 -5.12
CA THR A 26 21.81 -13.36 -4.60
C THR A 26 21.83 -12.29 -3.51
N THR A 27 20.67 -11.87 -3.03
CA THR A 27 20.64 -10.87 -1.97
C THR A 27 19.88 -11.41 -0.78
N ALA A 28 20.43 -11.18 0.41
CA ALA A 28 19.73 -11.50 1.64
C ALA A 28 18.58 -10.53 1.81
N ALA A 29 17.60 -10.95 2.59
CA ALA A 29 16.52 -10.04 2.98
C ALA A 29 17.10 -8.82 3.67
N ILE A 30 16.51 -7.67 3.43
CA ILE A 30 16.84 -6.45 4.17
C ILE A 30 15.69 -6.32 5.17
N GLU A 31 16.01 -6.15 6.43
CA GLU A 31 14.96 -6.06 7.44
C GLU A 31 15.32 -5.13 8.59
N TYR A 32 14.39 -4.22 8.88
CA TYR A 32 14.56 -3.29 9.99
C TYR A 32 13.20 -3.06 10.59
N ARG A 33 13.00 -3.48 11.83
CA ARG A 33 11.68 -3.46 12.45
C ARG A 33 10.63 -4.13 11.56
N ALA A 34 11.03 -5.15 10.79
CA ALA A 34 10.18 -5.66 9.73
C ALA A 34 8.99 -6.46 10.24
N ASP A 35 9.07 -6.93 11.48
CA ASP A 35 7.96 -7.67 12.06
C ASP A 35 7.15 -6.84 13.05
N GLU A 36 7.46 -5.56 13.18
CA GLU A 36 6.62 -4.70 14.01
C GLU A 36 5.41 -4.25 13.20
N ARG A 37 4.28 -4.09 13.88
CA ARG A 37 3.08 -3.62 13.22
C ARG A 37 3.10 -2.12 12.94
N PHE A 38 2.60 -1.72 11.77
CA PHE A 38 2.41 -0.33 11.38
C PHE A 38 1.05 -0.31 10.72
N ALA A 39 0.33 0.81 10.86
CA ALA A 39 -0.92 0.99 10.14
C ALA A 39 -0.75 0.81 8.63
N PHE A 40 -1.67 0.06 8.02
CA PHE A 40 -1.76 0.02 6.56
C PHE A 40 -1.85 1.42 5.95
N CYS A 41 -2.73 2.26 6.52
CA CYS A 41 -3.23 3.45 5.80
C CYS A 41 -3.64 3.00 4.39
N SER A 42 -3.36 3.79 3.38
CA SER A 42 -3.93 3.49 2.08
C SER A 42 -3.22 2.38 1.33
N THR A 43 -2.15 1.83 1.90
CA THR A 43 -1.47 0.73 1.21
C THR A 43 -2.38 -0.49 1.02
N PHE A 44 -3.43 -0.62 1.83
CA PHE A 44 -4.33 -1.77 1.69
C PHE A 44 -5.06 -1.77 0.36
N LYS A 45 -5.08 -0.62 -0.32
CA LYS A 45 -5.86 -0.49 -1.53
C LYS A 45 -5.31 -1.34 -2.66
N ALA A 46 -3.98 -1.58 -2.66
CA ALA A 46 -3.40 -2.47 -3.64
C ALA A 46 -3.90 -3.93 -3.53
N PRO A 47 -3.76 -4.58 -2.35
CA PRO A 47 -4.36 -5.92 -2.26
C PRO A 47 -5.88 -5.91 -2.32
N LEU A 48 -6.53 -4.79 -1.96
CA LEU A 48 -7.98 -4.71 -2.13
C LEU A 48 -8.39 -4.85 -3.60
N VAL A 49 -7.68 -4.13 -4.47
CA VAL A 49 -7.94 -4.24 -5.90
C VAL A 49 -7.68 -5.67 -6.38
N ALA A 50 -6.59 -6.28 -5.89
CA ALA A 50 -6.33 -7.67 -6.21
C ALA A 50 -7.49 -8.58 -5.79
N ALA A 51 -8.04 -8.34 -4.59
CA ALA A 51 -9.14 -9.18 -4.11
C ALA A 51 -10.36 -9.06 -5.01
N VAL A 52 -10.70 -7.83 -5.39
CA VAL A 52 -11.85 -7.60 -6.27
C VAL A 52 -11.60 -8.22 -7.65
N LEU A 53 -10.39 -8.05 -8.17
CA LEU A 53 -10.05 -8.67 -9.46
C LEU A 53 -10.18 -10.18 -9.38
N HIS A 54 -9.60 -10.76 -8.35
CA HIS A 54 -9.60 -12.22 -8.17
C HIS A 54 -11.01 -12.79 -8.08
N GLN A 55 -11.89 -12.06 -7.40
CA GLN A 55 -13.22 -12.55 -7.03
C GLN A 55 -14.19 -12.61 -8.21
N ASN A 56 -13.89 -11.88 -9.29
CA ASN A 56 -14.87 -11.64 -10.36
C ASN A 56 -14.31 -11.87 -11.75
N PRO A 57 -15.19 -12.14 -12.73
CA PRO A 57 -14.74 -12.11 -14.11
C PRO A 57 -14.15 -10.74 -14.43
N LEU A 58 -13.23 -10.71 -15.37
CA LEU A 58 -12.53 -9.50 -15.72
C LEU A 58 -13.51 -8.40 -16.14
N THR A 59 -14.58 -8.76 -16.84
CA THR A 59 -15.53 -7.75 -17.30
C THR A 59 -16.45 -7.18 -16.18
N HIS A 60 -16.33 -7.70 -14.94
CA HIS A 60 -16.87 -6.98 -13.78
C HIS A 60 -16.31 -5.56 -13.70
N LEU A 61 -15.14 -5.32 -14.31
CA LEU A 61 -14.58 -3.97 -14.38
C LEU A 61 -15.54 -2.97 -15.02
N ASP A 62 -16.48 -3.46 -15.82
CA ASP A 62 -17.38 -2.59 -16.56
C ASP A 62 -18.69 -2.33 -15.84
N LYS A 63 -18.85 -2.89 -14.64
CA LYS A 63 -20.09 -2.69 -13.88
C LYS A 63 -20.11 -1.29 -13.26
N LEU A 64 -21.21 -0.58 -13.46
CA LEU A 64 -21.36 0.78 -12.91
C LEU A 64 -21.84 0.77 -11.48
N ILE A 65 -21.11 1.45 -10.60
CA ILE A 65 -21.47 1.57 -9.19
C ILE A 65 -21.98 2.99 -8.93
N THR A 66 -23.17 3.09 -8.34
CA THR A 66 -23.72 4.39 -7.95
C THR A 66 -23.54 4.65 -6.46
N TYR A 67 -23.47 5.91 -6.10
CA TYR A 67 -23.20 6.31 -4.72
C TYR A 67 -23.69 7.72 -4.53
N THR A 68 -23.70 8.18 -3.28
CA THR A 68 -24.36 9.44 -2.94
C THR A 68 -23.47 10.40 -2.13
N SER A 69 -24.00 11.58 -1.85
CA SER A 69 -23.29 12.59 -1.06
C SER A 69 -22.72 12.03 0.24
N ASP A 70 -23.49 11.22 0.93
CA ASP A 70 -23.06 10.73 2.23
C ASP A 70 -21.98 9.64 2.16
N ASP A 71 -21.60 9.24 0.95
CA ASP A 71 -20.50 8.31 0.76
C ASP A 71 -19.13 9.01 0.70
N ILE A 72 -19.11 10.33 0.52
CA ILE A 72 -17.82 11.02 0.45
C ILE A 72 -17.41 11.46 1.85
N ARG A 73 -16.52 10.68 2.47
CA ARG A 73 -16.21 10.78 3.90
C ARG A 73 -14.71 10.84 4.16
N SER A 74 -13.91 10.96 3.09
CA SER A 74 -12.47 10.86 3.18
C SER A 74 -11.90 11.44 1.88
N ILE A 75 -10.59 11.65 1.83
CA ILE A 75 -9.93 12.19 0.64
C ILE A 75 -10.29 11.31 -0.56
N SER A 76 -10.88 11.92 -1.57
CA SER A 76 -11.47 11.20 -2.69
C SER A 76 -11.38 12.03 -3.97
N PRO A 77 -10.16 12.23 -4.49
CA PRO A 77 -10.00 13.21 -5.57
C PRO A 77 -10.81 12.91 -6.82
N VAL A 78 -11.06 11.62 -7.09
CA VAL A 78 -11.82 11.21 -8.28
C VAL A 78 -13.30 11.04 -7.97
N ALA A 79 -13.61 10.30 -6.91
CA ALA A 79 -15.01 9.99 -6.63
C ALA A 79 -15.85 11.23 -6.34
N GLN A 80 -15.25 12.27 -5.77
CA GLN A 80 -15.94 13.54 -5.49
C GLN A 80 -16.56 14.08 -6.76
N GLN A 81 -16.00 13.81 -7.90
CA GLN A 81 -16.53 14.34 -9.15
C GLN A 81 -17.63 13.51 -9.81
N HIS A 82 -17.94 12.31 -9.29
CA HIS A 82 -18.77 11.34 -10.04
C HIS A 82 -19.99 10.81 -9.29
N VAL A 83 -20.43 11.52 -8.25
CA VAL A 83 -21.60 11.08 -7.48
C VAL A 83 -22.84 10.98 -8.38
N GLN A 84 -22.96 11.86 -9.36
CA GLN A 84 -24.09 11.85 -10.29
C GLN A 84 -24.00 10.71 -11.29
N THR A 85 -22.83 10.55 -11.90
CA THR A 85 -22.66 9.57 -12.95
C THR A 85 -22.47 8.15 -12.41
N GLY A 86 -21.90 8.06 -11.22
CA GLY A 86 -21.38 6.78 -10.74
C GLY A 86 -20.00 6.53 -11.33
N MET A 87 -19.39 5.42 -10.93
CA MET A 87 -18.07 5.02 -11.45
C MET A 87 -18.12 3.53 -11.67
N THR A 88 -17.49 3.05 -12.73
CA THR A 88 -17.40 1.61 -12.90
C THR A 88 -16.40 1.01 -11.92
N ILE A 89 -16.46 -0.30 -11.73
CA ILE A 89 -15.48 -0.98 -10.89
C ILE A 89 -14.04 -0.69 -11.36
N GLY A 90 -13.81 -0.69 -12.67
CA GLY A 90 -12.49 -0.39 -13.20
C GLY A 90 -12.06 1.03 -12.87
N GLN A 91 -12.97 2.01 -13.01
CA GLN A 91 -12.67 3.37 -12.60
C GLN A 91 -12.37 3.46 -11.11
N LEU A 92 -13.12 2.72 -10.30
CA LEU A 92 -12.86 2.69 -8.86
C LEU A 92 -11.50 2.12 -8.52
N CYS A 93 -11.10 1.03 -9.19
CA CYS A 93 -9.77 0.45 -8.96
C CYS A 93 -8.67 1.45 -9.33
N ASP A 94 -8.85 2.09 -10.49
CA ASP A 94 -7.90 3.09 -10.98
C ASP A 94 -7.75 4.21 -9.95
N ALA A 95 -8.87 4.76 -9.50
CA ALA A 95 -8.83 5.86 -8.52
C ALA A 95 -8.24 5.42 -7.17
N ALA A 96 -8.60 4.22 -6.71
CA ALA A 96 -8.12 3.71 -5.42
C ALA A 96 -6.60 3.61 -5.44
N ILE A 97 -6.03 3.10 -6.53
CA ILE A 97 -4.58 2.93 -6.60
C ILE A 97 -3.86 4.22 -6.97
N ARG A 98 -4.31 4.88 -8.04
CA ARG A 98 -3.52 5.97 -8.61
C ARG A 98 -3.69 7.31 -7.92
N TYR A 99 -4.84 7.52 -7.27
CA TYR A 99 -5.12 8.77 -6.56
C TYR A 99 -5.41 8.51 -5.10
N SER A 100 -5.25 7.26 -4.68
CA SER A 100 -5.53 6.86 -3.30
C SER A 100 -6.91 7.33 -2.85
N ASP A 101 -7.91 7.12 -3.68
CA ASP A 101 -9.25 7.61 -3.42
C ASP A 101 -9.93 6.76 -2.33
N GLY A 102 -10.31 7.41 -1.24
CA GLY A 102 -10.90 6.73 -0.09
C GLY A 102 -12.31 6.22 -0.33
N THR A 103 -13.12 7.01 -1.04
CA THR A 103 -14.48 6.59 -1.35
C THR A 103 -14.41 5.40 -2.29
N ALA A 104 -13.52 5.46 -3.27
CA ALA A 104 -13.34 4.32 -4.18
C ALA A 104 -13.02 3.05 -3.37
N ALA A 105 -12.09 3.16 -2.42
CA ALA A 105 -11.73 2.02 -1.58
C ALA A 105 -12.94 1.51 -0.80
N ASN A 106 -13.71 2.43 -0.20
CA ASN A 106 -14.90 1.99 0.54
C ASN A 106 -15.89 1.28 -0.36
N LEU A 107 -16.06 1.77 -1.59
CA LEU A 107 -17.01 1.12 -2.51
C LEU A 107 -16.50 -0.23 -2.96
N LEU A 108 -15.19 -0.35 -3.13
CA LEU A 108 -14.62 -1.65 -3.47
C LEU A 108 -14.74 -2.66 -2.32
N LEU A 109 -14.58 -2.20 -1.08
CA LEU A 109 -14.81 -3.05 0.07
C LEU A 109 -16.26 -3.55 0.07
N ALA A 110 -17.21 -2.67 -0.21
CA ALA A 110 -18.62 -3.06 -0.25
C ALA A 110 -18.89 -4.02 -1.39
N ASP A 111 -18.17 -3.85 -2.51
CA ASP A 111 -18.31 -4.79 -3.61
C ASP A 111 -17.84 -6.20 -3.22
N LEU A 112 -16.74 -6.27 -2.49
CA LEU A 112 -16.21 -7.53 -2.01
C LEU A 112 -17.23 -8.16 -1.05
N GLY A 113 -17.82 -7.31 -0.19
CA GLY A 113 -19.04 -7.63 0.56
C GLY A 113 -18.76 -8.42 1.81
N GLY A 114 -19.81 -8.88 2.46
CA GLY A 114 -19.69 -9.66 3.68
C GLY A 114 -19.53 -8.78 4.92
N PRO A 115 -19.28 -9.40 6.08
CA PRO A 115 -19.26 -8.68 7.35
C PRO A 115 -18.26 -7.52 7.41
N GLY A 116 -18.54 -6.53 8.26
CA GLY A 116 -17.66 -5.37 8.40
C GLY A 116 -17.52 -4.55 7.13
N GLY A 117 -18.58 -4.54 6.31
CA GLY A 117 -18.57 -3.78 5.06
C GLY A 117 -17.48 -4.21 4.09
N GLY A 118 -17.06 -5.47 4.15
CA GLY A 118 -15.98 -5.96 3.30
C GLY A 118 -14.63 -6.11 3.98
N THR A 119 -14.46 -5.57 5.18
CA THR A 119 -13.16 -5.67 5.86
C THR A 119 -12.79 -7.10 6.21
N ALA A 120 -13.77 -7.92 6.61
CA ALA A 120 -13.52 -9.32 6.90
C ALA A 120 -13.10 -10.07 5.66
N ALA A 121 -13.77 -9.81 4.52
CA ALA A 121 -13.42 -10.50 3.29
C ALA A 121 -12.06 -10.04 2.81
N PHE A 122 -11.73 -8.77 3.01
CA PHE A 122 -10.39 -8.31 2.64
C PHE A 122 -9.34 -9.06 3.47
N THR A 123 -9.56 -9.15 4.78
CA THR A 123 -8.62 -9.87 5.65
C THR A 123 -8.52 -11.35 5.22
N GLY A 124 -9.66 -11.95 4.86
CA GLY A 124 -9.68 -13.33 4.37
C GLY A 124 -8.86 -13.51 3.11
N TYR A 125 -8.90 -12.51 2.23
CA TYR A 125 -8.09 -12.58 1.03
C TYR A 125 -6.61 -12.63 1.41
N LEU A 126 -6.17 -11.79 2.36
CA LEU A 126 -4.78 -11.84 2.80
C LEU A 126 -4.43 -13.19 3.43
N ARG A 127 -5.36 -13.76 4.21
CA ARG A 127 -5.14 -15.10 4.77
C ARG A 127 -4.92 -16.14 3.67
N SER A 128 -5.63 -16.00 2.55
CA SER A 128 -5.48 -16.94 1.43
C SER A 128 -4.10 -16.87 0.79
N LEU A 129 -3.39 -15.76 1.00
CA LEU A 129 -2.03 -15.58 0.50
C LEU A 129 -1.01 -15.91 1.58
N GLY A 130 -1.46 -16.53 2.68
CA GLY A 130 -0.55 -16.98 3.73
C GLY A 130 -0.19 -15.91 4.74
N ASP A 131 -0.80 -14.73 4.65
CA ASP A 131 -0.55 -13.65 5.59
C ASP A 131 -1.49 -13.81 6.79
N THR A 132 -0.92 -14.28 7.89
CA THR A 132 -1.65 -14.48 9.13
C THR A 132 -1.47 -13.33 10.12
N VAL A 133 -0.85 -12.25 9.65
CA VAL A 133 -0.47 -11.13 10.50
C VAL A 133 -1.41 -9.94 10.29
N SER A 134 -1.61 -9.54 9.04
CA SER A 134 -2.32 -8.31 8.73
C SER A 134 -3.79 -8.37 9.11
N ARG A 135 -4.39 -7.22 9.38
CA ARG A 135 -5.82 -7.18 9.68
C ARG A 135 -6.40 -5.83 9.28
N LEU A 136 -7.57 -5.85 8.65
CA LEU A 136 -8.31 -4.63 8.40
C LEU A 136 -9.60 -4.70 9.19
N ASP A 137 -9.86 -3.64 9.96
CA ASP A 137 -10.95 -3.58 10.93
C ASP A 137 -11.97 -2.49 10.65
N ALA A 138 -11.57 -1.49 9.88
CA ALA A 138 -12.39 -0.32 9.64
C ALA A 138 -12.23 0.07 8.19
N GLU A 139 -13.09 0.94 7.72
CA GLU A 139 -12.92 1.49 6.39
C GLU A 139 -12.48 2.95 6.49
N GLU A 140 -12.48 3.67 5.37
CA GLU A 140 -12.10 5.08 5.41
C GLU A 140 -13.23 5.90 6.03
N PRO A 141 -12.88 6.92 6.85
CA PRO A 141 -11.55 7.40 7.21
C PRO A 141 -10.99 6.78 8.50
N GLU A 142 -11.76 5.94 9.16
CA GLU A 142 -11.36 5.47 10.48
C GLU A 142 -10.07 4.65 10.51
N LEU A 143 -9.76 3.95 9.42
CA LEU A 143 -8.65 2.99 9.46
C LEU A 143 -7.29 3.66 9.63
N ASN A 144 -7.20 4.98 9.41
CA ASN A 144 -5.92 5.73 9.60
C ASN A 144 -5.66 6.30 10.99
N ARG A 145 -6.62 6.09 11.87
CA ARG A 145 -6.67 6.84 13.12
C ARG A 145 -6.38 6.03 14.37
N ASP A 146 -6.10 4.74 14.27
CA ASP A 146 -5.90 3.95 15.48
C ASP A 146 -4.67 4.48 16.22
N PRO A 147 -4.70 4.49 17.55
CA PRO A 147 -3.52 5.04 18.24
C PRO A 147 -2.25 4.22 17.94
N PRO A 148 -1.09 4.86 18.03
CA PRO A 148 0.16 4.12 17.87
C PRO A 148 0.17 2.88 18.79
N GLY A 149 0.61 1.74 18.28
CA GLY A 149 0.64 0.48 19.03
C GLY A 149 -0.60 -0.37 18.90
N ASP A 150 -1.75 0.23 18.60
CA ASP A 150 -3.00 -0.53 18.45
C ASP A 150 -2.83 -1.49 17.27
N GLU A 151 -3.33 -2.71 17.40
CA GLU A 151 -3.18 -3.67 16.32
C GLU A 151 -4.24 -3.56 15.22
N ARG A 152 -5.31 -2.83 15.48
CA ARG A 152 -6.34 -2.68 14.44
C ARG A 152 -5.75 -2.04 13.19
N ASP A 153 -6.18 -2.54 12.03
CA ASP A 153 -5.81 -1.90 10.75
C ASP A 153 -4.30 -1.88 10.49
N THR A 154 -3.61 -2.92 10.94
CA THR A 154 -2.16 -3.00 10.77
C THR A 154 -1.71 -4.12 9.88
N THR A 155 -0.52 -3.90 9.34
CA THR A 155 0.27 -4.94 8.70
C THR A 155 1.69 -4.84 9.27
N THR A 156 2.65 -5.52 8.65
CA THR A 156 4.05 -5.32 8.98
C THR A 156 4.81 -5.19 7.66
N PRO A 157 5.98 -4.55 7.66
CA PRO A 157 6.74 -4.48 6.40
C PRO A 157 6.98 -5.86 5.78
N HIS A 158 7.30 -6.83 6.64
CA HIS A 158 7.50 -8.21 6.19
C HIS A 158 6.23 -8.78 5.55
N ALA A 159 5.09 -8.66 6.23
CA ALA A 159 3.87 -9.29 5.78
C ALA A 159 3.43 -8.67 4.46
N ILE A 160 3.40 -7.32 4.38
CA ILE A 160 2.88 -6.70 3.18
C ILE A 160 3.84 -6.90 1.98
N ALA A 161 5.14 -6.96 2.25
CA ALA A 161 6.09 -7.27 1.17
C ALA A 161 5.82 -8.64 0.58
N LEU A 162 5.55 -9.63 1.42
CA LEU A 162 5.32 -10.99 0.92
C LEU A 162 4.00 -11.05 0.14
N VAL A 163 2.99 -10.29 0.58
CA VAL A 163 1.73 -10.23 -0.15
C VAL A 163 1.98 -9.59 -1.52
N LEU A 164 2.66 -8.45 -1.54
CA LEU A 164 2.88 -7.75 -2.82
C LEU A 164 3.71 -8.60 -3.78
N GLN A 165 4.68 -9.33 -3.24
CA GLN A 165 5.49 -10.23 -4.05
C GLN A 165 4.60 -11.25 -4.76
N GLN A 166 3.67 -11.85 -4.02
CA GLN A 166 2.79 -12.82 -4.64
C GLN A 166 1.89 -12.21 -5.70
N LEU A 167 1.39 -11.00 -5.44
CA LEU A 167 0.46 -10.34 -6.34
C LEU A 167 1.10 -9.93 -7.66
N VAL A 168 2.32 -9.39 -7.60
CA VAL A 168 2.98 -8.80 -8.76
C VAL A 168 3.96 -9.75 -9.42
N LEU A 169 4.71 -10.49 -8.61
CA LEU A 169 5.77 -11.34 -9.14
C LEU A 169 5.40 -12.81 -9.16
N GLY A 170 4.45 -13.21 -8.31
CA GLY A 170 4.04 -14.60 -8.22
C GLY A 170 2.75 -14.88 -8.95
N ASN A 171 2.06 -15.92 -8.51
CA ASN A 171 0.90 -16.42 -9.25
C ASN A 171 -0.42 -16.26 -8.52
N ALA A 172 -0.50 -15.30 -7.61
CA ALA A 172 -1.75 -15.05 -6.92
C ALA A 172 -2.89 -14.69 -7.88
N LEU A 173 -2.57 -13.96 -8.93
CA LEU A 173 -3.55 -13.55 -9.92
C LEU A 173 -3.17 -14.18 -11.26
N PRO A 174 -4.16 -14.48 -12.11
CA PRO A 174 -3.83 -14.88 -13.47
C PRO A 174 -3.20 -13.71 -14.22
N PRO A 175 -2.46 -13.99 -15.29
CA PRO A 175 -1.69 -12.94 -15.95
C PRO A 175 -2.50 -11.69 -16.33
N ASP A 176 -3.71 -11.85 -16.85
CA ASP A 176 -4.46 -10.68 -17.26
C ASP A 176 -4.83 -9.76 -16.10
N LYS A 177 -5.25 -10.34 -14.97
CA LYS A 177 -5.60 -9.54 -13.81
C LYS A 177 -4.35 -8.97 -13.14
N ARG A 178 -3.28 -9.73 -13.16
CA ARG A 178 -1.98 -9.29 -12.66
C ARG A 178 -1.51 -8.06 -13.39
N ALA A 179 -1.69 -8.05 -14.71
CA ALA A 179 -1.26 -6.92 -15.52
C ALA A 179 -2.08 -5.66 -15.23
N LEU A 180 -3.39 -5.84 -14.96
CA LEU A 180 -4.22 -4.69 -14.56
C LEU A 180 -3.70 -4.06 -13.27
N LEU A 181 -3.45 -4.89 -12.27
CA LEU A 181 -2.93 -4.37 -11.01
C LEU A 181 -1.57 -3.69 -11.17
N THR A 182 -0.68 -4.35 -11.88
CA THR A 182 0.67 -3.83 -12.09
C THR A 182 0.63 -2.48 -12.81
N ASP A 183 -0.20 -2.37 -13.85
CA ASP A 183 -0.29 -1.14 -14.63
C ASP A 183 -0.81 0.01 -13.79
N TRP A 184 -1.83 -0.25 -12.95
CA TRP A 184 -2.35 0.82 -12.10
C TRP A 184 -1.27 1.29 -11.14
N MET A 185 -0.52 0.37 -10.53
CA MET A 185 0.57 0.75 -9.63
C MET A 185 1.68 1.47 -10.40
N ALA A 186 1.94 1.06 -11.64
CA ALA A 186 2.95 1.71 -12.46
C ALA A 186 2.58 3.16 -12.77
N ARG A 187 1.28 3.43 -12.85
CA ARG A 187 0.74 4.74 -13.20
C ARG A 187 0.33 5.53 -11.96
N ASN A 188 0.77 5.09 -10.79
CA ASN A 188 0.47 5.82 -9.57
C ASN A 188 0.90 7.29 -9.63
N THR A 189 0.09 8.19 -9.09
CA THR A 189 0.45 9.62 -9.11
C THR A 189 0.96 10.15 -7.78
N THR A 190 0.96 9.30 -6.75
CA THR A 190 1.17 9.80 -5.40
C THR A 190 2.53 9.45 -4.81
N GLY A 191 3.40 8.78 -5.57
CA GLY A 191 4.58 8.16 -5.00
C GLY A 191 5.94 8.76 -5.34
N ALA A 192 5.94 9.89 -6.07
CA ALA A 192 7.19 10.44 -6.58
C ALA A 192 8.22 10.75 -5.50
N LYS A 193 7.78 11.06 -4.28
CA LYS A 193 8.68 11.54 -3.23
C LYS A 193 9.04 10.45 -2.24
N ARG A 194 8.71 9.20 -2.55
CA ARG A 194 8.93 8.10 -1.61
C ARG A 194 9.93 7.10 -2.20
N ILE A 195 9.56 5.83 -2.37
CA ILE A 195 10.53 4.87 -2.89
C ILE A 195 11.12 5.30 -4.24
N ARG A 196 10.28 5.83 -5.11
CA ARG A 196 10.72 6.34 -6.41
C ARG A 196 11.90 7.32 -6.27
N ALA A 197 11.85 8.17 -5.25
CA ALA A 197 12.89 9.18 -5.07
C ALA A 197 14.24 8.56 -4.68
N GLY A 198 14.23 7.32 -4.18
CA GLY A 198 15.43 6.65 -3.72
C GLY A 198 16.13 5.80 -4.76
N PHE A 199 15.46 5.52 -5.89
CA PHE A 199 16.00 4.63 -6.91
C PHE A 199 16.42 5.40 -8.16
N PRO A 200 17.54 5.01 -8.78
CA PRO A 200 17.96 5.73 -9.98
C PRO A 200 16.90 5.65 -11.07
N ALA A 201 16.94 6.62 -11.99
CA ALA A 201 15.96 6.74 -13.06
C ALA A 201 15.84 5.52 -13.98
N ASP A 202 16.91 4.75 -14.12
CA ASP A 202 16.85 3.60 -14.99
C ASP A 202 16.29 2.34 -14.33
N TRP A 203 15.88 2.45 -13.08
CA TRP A 203 15.12 1.41 -12.39
C TRP A 203 13.63 1.76 -12.52
N LYS A 204 12.81 0.78 -12.87
CA LYS A 204 11.36 0.96 -12.91
C LYS A 204 10.82 0.79 -11.52
N VAL A 205 9.82 1.60 -11.18
CA VAL A 205 9.21 1.54 -9.86
C VAL A 205 7.70 1.56 -10.04
N ILE A 206 7.00 0.61 -9.40
CA ILE A 206 5.53 0.68 -9.31
C ILE A 206 5.22 0.69 -7.82
N ASP A 207 4.19 1.39 -7.38
CA ASP A 207 4.03 1.52 -5.93
C ASP A 207 2.61 1.90 -5.52
N LYS A 208 2.34 1.75 -4.26
CA LYS A 208 1.15 2.27 -3.57
C LYS A 208 1.56 2.86 -2.27
N THR A 209 1.20 4.14 -2.05
CA THR A 209 1.55 4.87 -0.85
C THR A 209 0.45 4.74 0.20
N GLY A 210 0.79 5.15 1.41
CA GLY A 210 -0.22 5.36 2.45
C GLY A 210 0.24 6.48 3.34
N THR A 211 -0.71 7.25 3.84
CA THR A 211 -0.41 8.38 4.71
C THR A 211 -1.55 8.45 5.72
N GLY A 212 -1.23 8.76 6.96
CA GLY A 212 -2.26 8.82 7.98
C GLY A 212 -1.89 9.71 9.15
N ASP A 213 -2.68 9.59 10.20
CA ASP A 213 -2.46 10.37 11.41
C ASP A 213 -1.24 9.88 12.15
N TYR A 214 -0.81 10.58 13.20
CA TYR A 214 0.39 10.22 13.96
C TYR A 214 1.60 10.17 13.02
N GLY A 215 1.61 11.02 12.01
CA GLY A 215 2.77 11.13 11.12
C GLY A 215 3.06 9.88 10.30
N ARG A 216 2.01 9.14 9.96
CA ARG A 216 2.18 7.88 9.24
C ARG A 216 2.47 8.13 7.77
N ALA A 217 3.55 7.51 7.28
CA ALA A 217 3.89 7.57 5.86
C ALA A 217 4.49 6.22 5.46
N ASN A 218 3.84 5.58 4.48
CA ASN A 218 4.23 4.25 3.98
C ASN A 218 4.39 4.30 2.47
N ASP A 219 5.10 3.30 1.94
CA ASP A 219 5.13 3.07 0.50
C ASP A 219 5.49 1.60 0.30
N ILE A 220 4.76 0.94 -0.58
CA ILE A 220 5.08 -0.45 -0.93
C ILE A 220 5.30 -0.47 -2.44
N ALA A 221 6.39 -1.10 -2.88
CA ALA A 221 6.77 -1.01 -4.29
C ALA A 221 7.31 -2.32 -4.80
N VAL A 222 7.23 -2.47 -6.11
CA VAL A 222 8.09 -3.44 -6.79
C VAL A 222 8.98 -2.62 -7.69
N VAL A 223 10.27 -2.92 -7.63
CA VAL A 223 11.26 -2.20 -8.44
C VAL A 223 11.93 -3.20 -9.36
N TRP A 224 12.36 -2.73 -10.52
CA TRP A 224 13.07 -3.58 -11.45
C TRP A 224 14.37 -2.89 -11.84
N SER A 225 15.45 -3.66 -11.77
CA SER A 225 16.74 -3.14 -12.17
C SER A 225 16.79 -2.90 -13.68
N PRO A 226 17.82 -2.20 -14.16
CA PRO A 226 17.94 -1.95 -15.60
C PRO A 226 18.08 -3.24 -16.40
N THR A 227 18.41 -4.35 -15.76
CA THR A 227 18.45 -5.65 -16.47
C THR A 227 17.25 -6.56 -16.15
N GLY A 228 16.20 -6.01 -15.57
CA GLY A 228 14.98 -6.76 -15.32
C GLY A 228 15.00 -7.70 -14.13
N VAL A 229 15.80 -7.40 -13.12
CA VAL A 229 15.75 -8.17 -11.87
C VAL A 229 14.85 -7.42 -10.89
N PRO A 230 13.75 -8.07 -10.43
CA PRO A 230 12.79 -7.39 -9.56
C PRO A 230 13.07 -7.56 -8.06
N TYR A 231 12.71 -6.54 -7.30
CA TYR A 231 12.81 -6.59 -5.84
C TYR A 231 11.53 -5.99 -5.30
N VAL A 232 11.08 -6.45 -4.15
CA VAL A 232 9.94 -5.84 -3.49
C VAL A 232 10.45 -5.02 -2.32
N VAL A 233 9.93 -3.81 -2.18
CA VAL A 233 10.40 -2.89 -1.15
C VAL A 233 9.22 -2.36 -0.36
N ALA A 234 9.20 -2.62 0.94
CA ALA A 234 8.15 -2.07 1.83
C ALA A 234 8.80 -1.16 2.84
N VAL A 235 8.35 0.08 2.91
CA VAL A 235 8.84 1.06 3.92
C VAL A 235 7.63 1.64 4.61
N MET A 236 7.67 1.62 5.94
CA MET A 236 6.55 2.11 6.75
C MET A 236 7.10 3.02 7.84
N SER A 237 6.33 4.02 8.27
CA SER A 237 6.84 4.93 9.28
C SER A 237 5.72 5.57 10.05
N ASP A 238 6.00 5.91 11.31
CA ASP A 238 5.09 6.76 12.07
C ASP A 238 5.88 7.62 13.03
N ARG A 239 5.21 8.58 13.65
CA ARG A 239 5.87 9.60 14.45
C ARG A 239 5.02 9.86 15.69
N ALA A 240 4.86 8.85 16.54
CA ALA A 240 4.00 8.97 17.72
C ALA A 240 4.35 10.14 18.61
N GLY A 241 5.63 10.49 18.64
CA GLY A 241 6.10 11.62 19.45
C GLY A 241 5.44 12.95 19.12
N GLY A 242 4.96 13.10 17.90
CA GLY A 242 4.29 14.34 17.48
C GLY A 242 2.77 14.33 17.71
N GLY A 243 2.26 13.24 18.25
CA GLY A 243 0.81 13.09 18.46
C GLY A 243 0.01 12.95 17.17
N TYR A 244 -1.30 13.11 17.30
CA TYR A 244 -2.22 12.82 16.21
C TYR A 244 -1.92 13.64 14.96
N ASP A 245 -1.56 14.90 15.17
CA ASP A 245 -1.30 15.81 14.07
C ASP A 245 0.14 15.83 13.57
N ALA A 246 0.99 14.88 14.00
CA ALA A 246 2.37 14.88 13.54
C ALA A 246 2.42 14.86 12.02
N GLU A 247 3.32 15.63 11.42
CA GLU A 247 3.46 15.65 9.95
C GLU A 247 4.04 14.34 9.44
N PRO A 248 3.39 13.70 8.47
CA PRO A 248 4.06 12.59 7.77
C PRO A 248 5.30 13.12 7.08
N ARG A 249 6.35 12.32 6.98
CA ARG A 249 7.58 12.83 6.37
C ARG A 249 7.99 11.95 5.20
N GLU A 250 7.69 12.41 3.99
CA GLU A 250 8.04 11.62 2.80
C GLU A 250 9.55 11.48 2.68
N ALA A 251 10.27 12.50 3.15
CA ALA A 251 11.72 12.54 3.05
C ALA A 251 12.36 11.34 3.77
N LEU A 252 11.77 10.92 4.89
CA LEU A 252 12.25 9.73 5.60
C LEU A 252 12.23 8.49 4.69
N LEU A 253 11.15 8.35 3.92
CA LEU A 253 11.00 7.18 3.04
C LEU A 253 11.95 7.30 1.86
N ALA A 254 12.12 8.50 1.32
CA ALA A 254 13.09 8.70 0.24
C ALA A 254 14.52 8.35 0.67
N GLU A 255 14.92 8.80 1.87
CA GLU A 255 16.23 8.47 2.41
C GLU A 255 16.36 6.97 2.66
N ALA A 256 15.36 6.36 3.28
CA ALA A 256 15.42 4.92 3.53
C ALA A 256 15.55 4.16 2.21
N ALA A 257 14.78 4.55 1.20
CA ALA A 257 14.85 3.89 -0.11
C ALA A 257 16.19 4.09 -0.78
N THR A 258 16.82 5.24 -0.56
CA THR A 258 18.14 5.51 -1.12
C THR A 258 19.15 4.52 -0.55
N CYS A 259 19.06 4.28 0.74
CA CYS A 259 19.91 3.30 1.38
C CYS A 259 19.67 1.90 0.81
N VAL A 260 18.41 1.51 0.67
CA VAL A 260 18.09 0.20 0.09
C VAL A 260 18.64 0.08 -1.34
N ALA A 261 18.44 1.11 -2.15
CA ALA A 261 18.91 1.12 -3.54
C ALA A 261 20.41 0.93 -3.63
N GLY A 262 21.15 1.54 -2.69
CA GLY A 262 22.61 1.38 -2.64
C GLY A 262 23.01 -0.07 -2.43
N VAL A 263 22.27 -0.79 -1.58
CA VAL A 263 22.52 -2.22 -1.33
C VAL A 263 22.19 -3.06 -2.56
N LEU A 264 21.08 -2.75 -3.23
CA LEU A 264 20.61 -3.51 -4.37
C LEU A 264 21.34 -3.25 -5.68
N ALA A 265 22.00 -2.10 -5.78
CA ALA A 265 22.83 -1.80 -6.96
C ALA A 265 23.93 -2.84 -7.25
P PO4 B . -18.86 7.01 10.09
O1 PO4 B . -18.87 8.49 10.32
O2 PO4 B . -17.53 6.54 9.51
O3 PO4 B . -19.15 6.34 11.41
O4 PO4 B . -19.94 6.66 9.08
P PO4 C . -7.83 12.15 9.14
O1 PO4 C . -6.97 13.14 9.93
O2 PO4 C . -7.80 10.82 9.86
O3 PO4 C . -9.22 12.74 9.07
O4 PO4 C . -7.24 11.95 7.76
C 1RG D . 1.24 13.82 0.46
N 1RG D . 0.34 12.54 -1.45
O 1RG D . 1.91 12.87 0.70
CA 1RG D . 0.29 13.86 -0.77
CB 1RG D . -1.16 13.99 -0.31
CD 1RG D . -1.04 12.08 -1.65
CG 1RG D . -1.78 12.57 -0.43
CAA 1RG D . -4.30 6.75 2.40
CAB 1RG D . -4.92 8.19 2.45
OAC 1RG D . -3.30 6.59 3.03
CAD 1RG D . -4.56 8.94 1.12
CAE 1RG D . -6.44 8.31 2.83
CAF 1RG D . -7.36 7.66 1.78
OAG 1RG D . -6.64 7.72 4.08
CAH 1RG D . -4.00 10.37 1.35
CAI 1RG D . -2.51 10.22 0.98
NAJ 1RG D . -3.39 8.20 0.57
SAK 1RG D . -1.40 11.62 1.13
CAL 1RG D . -2.30 8.95 0.46
CAM 1RG D . -1.18 8.45 0.03
CAS 1RG D . -4.08 10.90 2.80
OAT 1RG D . -0.14 9.01 0.08
OAU 1RG D . -1.34 7.43 -0.59
NAX 1RG D . 1.32 14.94 1.17
CAY 1RG D . 2.03 15.15 2.29
CAZ 1RG D . 1.60 16.12 3.15
CBA 1RG D . 2.29 16.39 4.33
CBB 1RG D . 3.39 15.67 4.66
CBC 1RG D . 3.83 14.73 3.80
CBD 1RG D . 3.16 14.48 2.65
CBE 1RG D . 1.84 17.44 5.33
OBF 1RG D . 2.36 17.50 6.44
OBG 1RG D . 0.93 18.17 4.94
C 1RG E . 3.45 19.75 3.68
N 1RG E . 1.11 20.34 3.12
O 1RG E . 3.35 20.48 4.67
CA 1RG E . 2.39 19.81 2.58
CB 1RG E . 2.83 20.74 1.44
CD 1RG E . 0.81 21.62 2.48
CG 1RG E . 1.75 21.81 1.28
SAK 1RG E . 2.48 23.48 1.36
NAX 1RG E . 4.44 18.86 3.45
CAY 1RG E . 5.52 18.55 4.22
CAZ 1RG E . 6.28 17.44 3.84
CBA 1RG E . 7.41 17.07 4.58
CBB 1RG E . 7.78 17.80 5.71
CBC 1RG E . 7.03 18.92 6.08
CBD 1RG E . 5.90 19.29 5.34
CBE 1RG E . 8.22 15.84 4.15
OBF 1RG E . 7.85 15.26 3.11
OBG 1RG E . 9.20 15.48 4.85
#